data_6Q3A
#
_entry.id   6Q3A
#
_cell.length_a   80.725
_cell.length_b   80.725
_cell.length_c   442.575
_cell.angle_alpha   90.000
_cell.angle_beta   90.000
_cell.angle_gamma   120.000
#
_symmetry.space_group_name_H-M   'P 64 2 2'
#
loop_
_entity.id
_entity.type
_entity.pdbx_description
1 polymer 'Apolipoprotein N-acyltransferase'
2 non-polymer GLYCEROL
3 non-polymer '(2R)-2,3-dihydroxypropyl (9Z)-octadec-9-enoate'
#
_entity_poly.entity_id   1
_entity_poly.type   'polypeptide(L)'
_entity_poly.pdbx_seq_one_letter_code
;GHMAFASLIERQRIRLLLALLFGACGTLAFSPYDVWPAAIISLMGLQALTFNRRPLQSAAIGFCWGFGLFGSGINWVYVS
IATFGGMPGPVNIFLVVLLAAYLSLYTGLFAGVLSRLWPKTTWLRVAIAAPALWQVTEFLRGWVLTGFPWLQFGYSQIDG
PLKGLAPIMGVEAINFLLMMVSGLLALALVKRNWRPLVVAVVLFALPFPLRYIQWFTPQPEKTIQVSMVQGDIPQSLKWD
EGQLLNTLKIYYNATAPLMGKSSLIIWPESAITDLEINQQPFLKALDGELRDKGSSLVTGIVDARLNKQNRYDTYNTIIT
LGKGAPYSYESADRYNKNHLVPFGEFVPLESILRPLAPFFDLPMSSFSRGPYIQPPLSANGIELTAAICYEIILGEQVRD
NFRPDTDYLLTISNDAWFGKSIGPWQHFQMARMRALELARPLLRSTNNGITAVIGPQGEIQAMIPQFTREVLTTNVTPTT
GLTPYARTGNWPLWVLTALFGFAAVLMSLRQRRK
;
_entity_poly.pdbx_strand_id   A
#
loop_
_chem_comp.id
_chem_comp.type
_chem_comp.name
_chem_comp.formula
GOL non-polymer GLYCEROL 'C3 H8 O3'
OLC non-polymer '(2R)-2,3-dihydroxypropyl (9Z)-octadec-9-enoate' 'C21 H40 O4'
#
# COMPACT_ATOMS: atom_id res chain seq x y z
N ILE A 9 31.29 26.82 1.48
CA ILE A 9 30.62 25.82 0.65
C ILE A 9 29.36 25.31 1.36
N GLU A 10 28.98 25.96 2.47
CA GLU A 10 27.81 25.57 3.26
C GLU A 10 27.05 26.83 3.69
N ARG A 11 26.38 27.46 2.73
CA ARG A 11 25.51 28.60 2.99
C ARG A 11 24.08 28.17 3.33
N GLN A 12 23.87 26.89 3.60
CA GLN A 12 22.57 26.31 3.95
C GLN A 12 21.57 26.42 2.79
N ARG A 13 21.58 27.54 2.07
CA ARG A 13 20.82 27.60 0.82
C ARG A 13 21.28 26.52 -0.15
N ILE A 14 22.57 26.21 -0.14
CA ILE A 14 23.06 25.07 -0.92
C ILE A 14 22.49 23.77 -0.38
N ARG A 15 22.37 23.66 0.95
CA ARG A 15 21.79 22.46 1.55
C ARG A 15 20.28 22.40 1.32
N LEU A 16 19.61 23.54 1.24
CA LEU A 16 18.19 23.54 0.90
C LEU A 16 17.97 23.07 -0.53
N LEU A 17 18.80 23.53 -1.46
CA LEU A 17 18.68 23.09 -2.85
C LEU A 17 19.14 21.64 -3.01
N LEU A 18 20.18 21.24 -2.27
CA LEU A 18 20.62 19.86 -2.32
C LEU A 18 19.60 18.93 -1.69
N ALA A 19 18.89 19.39 -0.65
CA ALA A 19 17.82 18.58 -0.07
C ALA A 19 16.71 18.33 -1.08
N LEU A 20 16.47 19.29 -1.98
CA LEU A 20 15.51 19.07 -3.05
C LEU A 20 15.97 17.96 -3.99
N LEU A 21 17.27 17.94 -4.32
CA LEU A 21 17.79 16.92 -5.23
C LEU A 21 17.85 15.56 -4.55
N PHE A 22 18.38 15.50 -3.33
CA PHE A 22 18.43 14.23 -2.62
C PHE A 22 17.04 13.73 -2.26
N GLY A 23 16.08 14.63 -2.11
CA GLY A 23 14.71 14.20 -1.83
C GLY A 23 14.07 13.51 -3.03
N ALA A 24 14.12 14.17 -4.19
CA ALA A 24 13.59 13.59 -5.41
C ALA A 24 14.35 12.36 -5.87
N CYS A 25 15.55 12.11 -5.32
CA CYS A 25 16.29 10.91 -5.68
C CYS A 25 15.58 9.65 -5.22
N GLY A 26 14.78 9.75 -4.16
CA GLY A 26 14.06 8.58 -3.66
C GLY A 26 12.95 8.12 -4.59
N THR A 27 12.37 9.04 -5.35
CA THR A 27 11.30 8.67 -6.29
C THR A 27 11.80 7.69 -7.34
N LEU A 28 13.07 7.81 -7.74
CA LEU A 28 13.68 6.91 -8.72
C LEU A 28 13.99 5.54 -8.15
N ALA A 29 13.50 5.19 -6.96
CA ALA A 29 13.79 3.91 -6.32
C ALA A 29 12.58 3.02 -6.21
N PHE A 30 11.46 3.39 -6.82
CA PHE A 30 10.22 2.65 -6.65
C PHE A 30 9.91 1.84 -7.92
N SER A 31 8.64 1.50 -8.11
CA SER A 31 8.26 0.51 -9.13
C SER A 31 8.58 0.96 -10.56
N PRO A 32 8.21 2.16 -11.01
CA PRO A 32 8.46 2.52 -12.43
C PRO A 32 9.93 2.58 -12.79
N TYR A 33 10.84 2.50 -11.83
CA TYR A 33 12.26 2.61 -12.11
C TYR A 33 13.07 1.46 -11.53
N ASP A 34 12.73 1.00 -10.32
CA ASP A 34 13.35 -0.17 -9.70
C ASP A 34 14.86 -0.01 -9.57
N VAL A 35 15.26 1.04 -8.86
CA VAL A 35 16.67 1.30 -8.57
C VAL A 35 16.77 1.54 -7.07
N TRP A 36 16.90 0.45 -6.30
CA TRP A 36 16.93 0.54 -4.85
C TRP A 36 18.15 1.27 -4.27
N PRO A 37 19.31 1.32 -4.94
CA PRO A 37 20.39 2.16 -4.41
C PRO A 37 20.06 3.64 -4.36
N ALA A 38 19.06 4.09 -5.11
CA ALA A 38 18.64 5.49 -5.04
C ALA A 38 18.06 5.83 -3.67
N ALA A 39 17.56 4.85 -2.93
CA ALA A 39 17.06 5.12 -1.59
C ALA A 39 18.20 5.42 -0.62
N ILE A 40 19.31 4.69 -0.75
CA ILE A 40 20.45 4.91 0.14
C ILE A 40 21.04 6.29 -0.10
N ILE A 41 21.18 6.69 -1.36
CA ILE A 41 21.70 8.02 -1.67
C ILE A 41 20.74 9.09 -1.18
N SER A 42 19.43 8.83 -1.27
CA SER A 42 18.45 9.81 -0.82
C SER A 42 18.48 9.97 0.70
N LEU A 43 18.72 8.89 1.43
CA LEU A 43 18.80 8.98 2.88
C LEU A 43 20.15 9.51 3.35
N MET A 44 21.23 9.19 2.64
CA MET A 44 22.54 9.75 2.99
C MET A 44 22.53 11.26 2.87
N GLY A 45 21.85 11.80 1.85
CA GLY A 45 21.75 13.24 1.72
C GLY A 45 21.01 13.88 2.87
N LEU A 46 19.85 13.31 3.24
CA LEU A 46 19.11 13.83 4.38
C LEU A 46 19.90 13.67 5.67
N GLN A 47 20.67 12.59 5.78
CA GLN A 47 21.48 12.38 6.98
C GLN A 47 22.66 13.34 7.03
N ALA A 48 23.32 13.57 5.89
CA ALA A 48 24.52 14.40 5.87
C ALA A 48 24.19 15.88 5.95
N LEU A 49 23.18 16.34 5.21
CA LEU A 49 22.87 17.76 5.14
C LEU A 49 22.36 18.31 6.47
N THR A 50 21.94 17.45 7.38
CA THR A 50 21.48 17.88 8.70
C THR A 50 22.60 17.94 9.72
N PHE A 51 23.85 17.76 9.31
CA PHE A 51 24.97 17.79 10.23
C PHE A 51 25.37 19.22 10.55
N ASN A 52 25.50 19.52 11.84
CA ASN A 52 26.00 20.81 12.33
C ASN A 52 25.15 21.97 11.81
N ARG A 53 23.87 21.95 12.17
CA ARG A 53 22.95 23.01 11.81
C ARG A 53 22.01 23.29 12.97
N ARG A 54 21.37 24.45 12.92
CA ARG A 54 20.41 24.84 13.95
C ARG A 54 19.24 23.87 13.98
N PRO A 55 18.56 23.76 15.12
CA PRO A 55 17.32 22.96 15.14
C PRO A 55 16.28 23.45 14.15
N LEU A 56 16.21 24.77 13.93
CA LEU A 56 15.30 25.31 12.91
C LEU A 56 15.90 25.22 11.51
N GLN A 57 17.22 25.36 11.38
CA GLN A 57 17.85 25.19 10.08
C GLN A 57 17.75 23.75 9.60
N SER A 58 17.99 22.79 10.50
CA SER A 58 17.87 21.38 10.12
C SER A 58 16.43 21.03 9.78
N ALA A 59 15.47 21.63 10.49
CA ALA A 59 14.06 21.38 10.19
C ALA A 59 13.70 21.88 8.80
N ALA A 60 14.26 23.01 8.39
CA ALA A 60 14.03 23.50 7.02
C ALA A 60 14.69 22.60 5.99
N ILE A 61 15.85 22.01 6.33
CA ILE A 61 16.49 21.07 5.42
C ILE A 61 15.66 19.81 5.27
N GLY A 62 15.09 19.32 6.38
CA GLY A 62 14.23 18.15 6.29
C GLY A 62 12.93 18.46 5.57
N PHE A 63 12.38 19.66 5.78
CA PHE A 63 11.17 20.05 5.07
C PHE A 63 11.42 20.18 3.58
N CYS A 64 12.58 20.75 3.19
CA CYS A 64 12.92 20.85 1.78
C CYS A 64 13.25 19.49 1.19
N TRP A 65 13.80 18.58 2.00
CA TRP A 65 14.09 17.24 1.50
C TRP A 65 12.81 16.44 1.27
N GLY A 66 11.84 16.57 2.18
CA GLY A 66 10.57 15.90 1.98
C GLY A 66 9.75 16.51 0.87
N PHE A 67 9.92 17.80 0.62
CA PHE A 67 9.19 18.45 -0.47
C PHE A 67 9.66 17.96 -1.83
N GLY A 68 10.95 17.65 -1.97
CA GLY A 68 11.44 17.13 -3.23
C GLY A 68 11.02 15.70 -3.49
N LEU A 69 10.84 14.90 -2.43
CA LEU A 69 10.41 13.52 -2.59
C LEU A 69 8.93 13.43 -2.91
N PHE A 70 8.09 14.12 -2.12
CA PHE A 70 6.65 14.07 -2.35
C PHE A 70 6.25 14.90 -3.57
N GLY A 71 7.00 15.93 -3.90
CA GLY A 71 6.71 16.72 -5.08
C GLY A 71 6.90 15.97 -6.38
N SER A 72 7.64 14.87 -6.36
CA SER A 72 7.90 14.06 -7.54
C SER A 72 7.16 12.74 -7.56
N GLY A 73 6.98 12.10 -6.40
CA GLY A 73 6.30 10.82 -6.32
C GLY A 73 4.84 10.87 -5.96
N ILE A 74 4.29 12.05 -5.68
CA ILE A 74 2.88 12.19 -5.36
C ILE A 74 2.14 13.11 -6.32
N ASN A 75 2.85 13.82 -7.21
CA ASN A 75 2.20 14.76 -8.12
C ASN A 75 1.17 14.09 -9.02
N TRP A 76 1.20 12.77 -9.13
CA TRP A 76 0.19 12.06 -9.93
C TRP A 76 -1.21 12.18 -9.36
N VAL A 77 -1.37 12.70 -8.14
CA VAL A 77 -2.70 12.95 -7.60
C VAL A 77 -3.33 14.21 -8.17
N TYR A 78 -2.60 14.96 -9.00
CA TYR A 78 -3.15 16.18 -9.58
C TYR A 78 -4.29 15.88 -10.54
N VAL A 79 -4.08 14.91 -11.44
CA VAL A 79 -5.14 14.54 -12.37
C VAL A 79 -6.34 13.98 -11.64
N SER A 80 -6.12 13.30 -10.51
CA SER A 80 -7.23 12.88 -9.67
C SER A 80 -8.02 14.08 -9.16
N ILE A 81 -7.31 15.14 -8.76
CA ILE A 81 -7.98 16.37 -8.36
C ILE A 81 -8.54 17.10 -9.59
N ALA A 82 -7.87 16.96 -10.74
CA ALA A 82 -8.32 17.56 -11.98
C ALA A 82 -9.43 16.77 -12.66
N THR A 83 -10.10 15.88 -11.94
CA THR A 83 -11.18 15.06 -12.48
C THR A 83 -12.39 15.01 -11.54
N PHE A 84 -12.16 14.85 -10.24
CA PHE A 84 -13.23 14.80 -9.25
C PHE A 84 -13.54 16.14 -8.61
N GLY A 85 -12.53 17.00 -8.40
CA GLY A 85 -12.78 18.25 -7.71
C GLY A 85 -13.47 19.29 -8.59
N GLY A 86 -13.11 19.32 -9.86
CA GLY A 86 -13.64 20.32 -10.79
C GLY A 86 -13.08 21.70 -10.60
N MET A 87 -12.07 21.88 -9.75
CA MET A 87 -11.47 23.18 -9.53
C MET A 87 -10.71 23.62 -10.79
N PRO A 88 -10.45 24.92 -10.92
CA PRO A 88 -9.61 25.38 -12.05
C PRO A 88 -8.20 24.82 -11.96
N GLY A 89 -7.43 25.09 -13.03
CA GLY A 89 -6.07 24.64 -13.13
C GLY A 89 -5.19 25.06 -11.96
N PRO A 90 -5.05 26.37 -11.74
CA PRO A 90 -4.22 26.84 -10.62
C PRO A 90 -4.66 26.34 -9.26
N VAL A 91 -5.97 26.13 -9.07
CA VAL A 91 -6.45 25.66 -7.77
C VAL A 91 -6.01 24.21 -7.53
N ASN A 92 -6.07 23.38 -8.56
CA ASN A 92 -5.62 22.00 -8.43
C ASN A 92 -4.13 21.92 -8.12
N ILE A 93 -3.34 22.84 -8.68
CA ILE A 93 -1.90 22.81 -8.44
C ILE A 93 -1.58 23.20 -7.00
N PHE A 94 -2.31 24.20 -6.47
CA PHE A 94 -2.07 24.63 -5.09
C PHE A 94 -2.43 23.53 -4.09
N LEU A 95 -3.45 22.73 -4.39
CA LEU A 95 -3.82 21.65 -3.48
C LEU A 95 -2.77 20.56 -3.46
N VAL A 96 -2.11 20.30 -4.59
CA VAL A 96 -1.04 19.31 -4.62
C VAL A 96 0.20 19.84 -3.89
N VAL A 97 0.49 21.12 -4.05
CA VAL A 97 1.62 21.72 -3.34
C VAL A 97 1.35 21.73 -1.84
N LEU A 98 0.13 22.08 -1.44
CA LEU A 98 -0.22 22.06 -0.02
C LEU A 98 -0.15 20.65 0.55
N LEU A 99 -0.51 19.64 -0.26
CA LEU A 99 -0.37 18.26 0.19
C LEU A 99 1.09 17.89 0.38
N ALA A 100 1.94 18.22 -0.60
CA ALA A 100 3.36 17.94 -0.47
C ALA A 100 3.99 18.73 0.68
N ALA A 101 3.50 19.95 0.93
CA ALA A 101 4.01 20.73 2.06
C ALA A 101 3.58 20.11 3.39
N TYR A 102 2.33 19.65 3.49
CA TYR A 102 1.87 19.02 4.70
C TYR A 102 2.63 17.73 4.97
N LEU A 103 2.78 16.88 3.95
CA LEU A 103 3.53 15.64 4.11
C LEU A 103 5.00 15.89 4.41
N SER A 104 5.52 17.05 4.06
CA SER A 104 6.91 17.39 4.35
C SER A 104 7.10 17.96 5.75
N LEU A 105 6.03 18.31 6.44
CA LEU A 105 6.15 18.83 7.81
C LEU A 105 6.66 17.75 8.76
N TYR A 106 6.41 16.48 8.45
CA TYR A 106 6.86 15.40 9.32
C TYR A 106 8.36 15.17 9.17
N THR A 107 8.87 15.15 7.93
CA THR A 107 10.30 14.99 7.73
C THR A 107 11.08 16.16 8.30
N GLY A 108 10.54 17.38 8.17
CA GLY A 108 11.17 18.53 8.80
C GLY A 108 11.15 18.44 10.31
N LEU A 109 10.06 17.91 10.87
CA LEU A 109 10.01 17.66 12.31
C LEU A 109 11.04 16.62 12.74
N PHE A 110 11.28 15.63 11.89
CA PHE A 110 12.30 14.62 12.19
C PHE A 110 13.69 15.24 12.29
N ALA A 111 14.08 16.02 11.28
CA ALA A 111 15.39 16.66 11.31
C ALA A 111 15.46 17.74 12.37
N GLY A 112 14.33 18.36 12.72
CA GLY A 112 14.34 19.37 13.77
C GLY A 112 14.55 18.77 15.14
N VAL A 113 13.88 17.65 15.44
CA VAL A 113 14.08 16.99 16.71
C VAL A 113 15.43 16.29 16.78
N LEU A 114 15.91 15.77 15.64
CA LEU A 114 17.21 15.11 15.62
C LEU A 114 18.35 16.08 15.90
N SER A 115 18.19 17.35 15.51
CA SER A 115 19.22 18.36 15.76
C SER A 115 19.06 19.03 17.12
N ARG A 116 17.82 19.20 17.59
CA ARG A 116 17.59 19.83 18.89
C ARG A 116 18.09 18.94 20.04
N LEU A 117 18.00 17.62 19.88
CA LEU A 117 18.41 16.70 20.93
C LEU A 117 19.75 16.02 20.63
N TRP A 118 20.22 16.06 19.39
CA TRP A 118 21.53 15.51 19.02
C TRP A 118 22.20 16.45 18.03
N PRO A 119 22.72 17.59 18.50
CA PRO A 119 23.33 18.54 17.58
C PRO A 119 24.63 18.06 16.95
N LYS A 120 25.38 17.21 17.65
CA LYS A 120 26.66 16.72 17.15
C LYS A 120 26.46 15.45 16.32
N THR A 121 27.46 15.17 15.48
CA THR A 121 27.42 14.02 14.57
C THR A 121 28.17 12.87 15.23
N THR A 122 27.44 12.05 15.97
CA THR A 122 27.98 10.86 16.62
C THR A 122 27.38 9.61 16.00
N TRP A 123 28.05 8.48 16.23
CA TRP A 123 27.55 7.20 15.72
C TRP A 123 26.25 6.79 16.39
N LEU A 124 25.95 7.34 17.56
CA LEU A 124 24.65 7.13 18.19
C LEU A 124 23.55 7.94 17.51
N ARG A 125 23.88 9.11 16.96
CA ARG A 125 22.89 9.93 16.29
C ARG A 125 22.38 9.25 15.03
N VAL A 126 23.28 8.74 14.19
CA VAL A 126 22.89 8.23 12.88
C VAL A 126 22.46 6.77 12.91
N ALA A 127 22.98 5.98 13.85
CA ALA A 127 22.69 4.56 13.88
C ALA A 127 21.68 4.16 14.95
N ILE A 128 21.45 5.01 15.95
CA ILE A 128 20.54 4.72 17.06
C ILE A 128 19.41 5.73 17.13
N ALA A 129 19.75 7.02 17.17
CA ALA A 129 18.73 8.05 17.33
C ALA A 129 17.96 8.29 16.04
N ALA A 130 18.66 8.29 14.89
CA ALA A 130 17.98 8.57 13.63
C ALA A 130 16.99 7.47 13.25
N PRO A 131 17.33 6.17 13.29
CA PRO A 131 16.33 5.16 12.90
C PRO A 131 15.14 5.11 13.84
N ALA A 132 15.36 5.28 15.14
CA ALA A 132 14.25 5.25 16.10
C ALA A 132 13.32 6.45 15.89
N LEU A 133 13.89 7.65 15.74
CA LEU A 133 13.08 8.83 15.50
C LEU A 133 12.39 8.79 14.13
N TRP A 134 12.95 8.03 13.18
CA TRP A 134 12.35 7.95 11.85
C TRP A 134 11.09 7.07 11.86
N GLN A 135 11.06 6.05 12.72
CA GLN A 135 9.86 5.21 12.81
C GLN A 135 8.69 6.00 13.39
N VAL A 136 8.96 6.86 14.37
CA VAL A 136 7.89 7.67 14.97
C VAL A 136 7.42 8.73 13.97
N THR A 137 8.32 9.26 13.15
CA THR A 137 7.94 10.28 12.18
C THR A 137 7.05 9.69 11.09
N GLU A 138 7.47 8.56 10.50
CA GLU A 138 6.68 7.94 9.43
C GLU A 138 5.36 7.40 9.95
N PHE A 139 5.28 7.03 11.23
CA PHE A 139 4.02 6.57 11.80
C PHE A 139 3.00 7.71 11.84
N LEU A 140 3.42 8.89 12.32
CA LEU A 140 2.51 10.02 12.39
C LEU A 140 2.08 10.48 11.00
N ARG A 141 2.96 10.36 10.01
CA ARG A 141 2.59 10.71 8.64
C ARG A 141 1.53 9.76 8.10
N GLY A 142 1.54 8.50 8.53
CA GLY A 142 0.59 7.52 8.04
C GLY A 142 -0.51 7.18 9.02
N TRP A 143 -0.78 8.07 9.98
CA TRP A 143 -1.84 7.83 10.96
C TRP A 143 -2.66 9.08 11.22
N VAL A 144 -2.01 10.24 11.25
CA VAL A 144 -2.72 11.48 11.57
C VAL A 144 -3.66 11.85 10.44
N LEU A 145 -4.92 12.13 10.79
CA LEU A 145 -5.96 12.53 9.83
C LEU A 145 -6.15 11.47 8.75
N THR A 146 -6.34 10.22 9.19
CA THR A 146 -6.38 9.05 8.31
C THR A 146 -5.17 9.09 7.36
N GLY A 147 -4.01 8.80 7.95
CA GLY A 147 -2.72 9.04 7.35
C GLY A 147 -2.48 8.50 5.95
N PHE A 148 -1.44 9.00 5.31
CA PHE A 148 -1.07 8.66 3.94
C PHE A 148 0.36 8.11 3.94
N PRO A 149 0.54 6.85 4.36
CA PRO A 149 1.90 6.28 4.44
C PRO A 149 2.41 5.81 3.08
N TRP A 150 2.55 6.75 2.15
CA TRP A 150 3.06 6.45 0.82
C TRP A 150 4.54 6.81 0.74
N LEU A 151 5.20 6.20 -0.25
CA LEU A 151 6.63 6.40 -0.50
C LEU A 151 7.46 6.05 0.74
N GLN A 152 7.43 4.76 1.07
CA GLN A 152 8.28 4.19 2.10
C GLN A 152 9.35 3.36 1.43
N PHE A 153 10.62 3.67 1.74
CA PHE A 153 11.74 3.04 1.04
C PHE A 153 11.85 1.54 1.32
N GLY A 154 11.11 1.02 2.30
CA GLY A 154 11.09 -0.42 2.50
C GLY A 154 10.40 -1.18 1.39
N TYR A 155 9.47 -0.52 0.69
CA TYR A 155 8.79 -1.13 -0.44
C TYR A 155 9.68 -1.29 -1.66
N SER A 156 10.86 -0.67 -1.65
CA SER A 156 11.78 -0.80 -2.78
C SER A 156 12.58 -2.10 -2.72
N GLN A 157 12.79 -2.64 -1.52
CA GLN A 157 13.55 -3.87 -1.34
C GLN A 157 12.72 -5.13 -1.58
N ILE A 158 11.65 -5.04 -2.38
CA ILE A 158 10.86 -6.22 -2.69
C ILE A 158 11.64 -7.18 -3.58
N ASP A 159 12.49 -6.65 -4.45
CA ASP A 159 13.31 -7.46 -5.34
C ASP A 159 14.79 -7.43 -4.97
N GLY A 160 15.14 -6.81 -3.85
CA GLY A 160 16.52 -6.63 -3.48
C GLY A 160 17.00 -7.65 -2.45
N PRO A 161 18.17 -7.38 -1.86
CA PRO A 161 18.71 -8.35 -0.88
C PRO A 161 17.94 -8.40 0.41
N LEU A 162 17.45 -7.25 0.90
CA LEU A 162 16.77 -7.16 2.19
C LEU A 162 15.34 -7.66 2.16
N LYS A 163 14.95 -8.44 1.14
CA LYS A 163 13.58 -8.93 1.07
C LYS A 163 13.27 -9.95 2.14
N GLY A 164 14.29 -10.67 2.63
CA GLY A 164 14.07 -11.69 3.65
C GLY A 164 13.70 -11.15 5.01
N LEU A 165 13.75 -9.83 5.21
CA LEU A 165 13.43 -9.24 6.50
C LEU A 165 11.95 -8.96 6.68
N ALA A 166 11.22 -8.78 5.58
CA ALA A 166 9.80 -8.45 5.67
C ALA A 166 8.97 -9.57 6.33
N PRO A 167 9.10 -10.84 5.95
CA PRO A 167 8.30 -11.88 6.63
C PRO A 167 8.67 -12.09 8.09
N ILE A 168 9.78 -11.50 8.55
CA ILE A 168 10.20 -11.68 9.94
C ILE A 168 9.68 -10.55 10.82
N MET A 169 9.85 -9.29 10.40
CA MET A 169 9.44 -8.15 11.19
C MET A 169 8.55 -7.14 10.47
N GLY A 170 8.53 -7.14 9.14
CA GLY A 170 7.66 -6.27 8.38
C GLY A 170 8.43 -5.30 7.51
N VAL A 171 7.66 -4.58 6.68
CA VAL A 171 8.26 -3.61 5.78
C VAL A 171 8.79 -2.40 6.54
N GLU A 172 8.12 -2.03 7.64
CA GLU A 172 8.59 -0.90 8.44
C GLU A 172 9.92 -1.19 9.11
N ALA A 173 10.28 -2.47 9.29
CA ALA A 173 11.60 -2.80 9.81
C ALA A 173 12.68 -2.54 8.78
N ILE A 174 12.36 -2.71 7.49
CA ILE A 174 13.33 -2.39 6.45
C ILE A 174 13.57 -0.89 6.38
N ASN A 175 12.52 -0.10 6.61
CA ASN A 175 12.69 1.35 6.74
C ASN A 175 13.61 1.69 7.90
N PHE A 176 13.60 0.87 8.96
CA PHE A 176 14.46 1.10 10.10
C PHE A 176 15.92 0.79 9.76
N LEU A 177 16.15 -0.24 8.95
CA LEU A 177 17.51 -0.65 8.61
C LEU A 177 18.14 0.28 7.58
N LEU A 178 17.34 0.77 6.62
CA LEU A 178 17.88 1.65 5.59
C LEU A 178 18.37 2.97 6.20
N MET A 179 17.62 3.52 7.16
CA MET A 179 18.08 4.72 7.84
C MET A 179 19.32 4.46 8.68
N MET A 180 19.47 3.23 9.19
CA MET A 180 20.62 2.91 10.02
C MET A 180 21.88 2.72 9.17
N VAL A 181 21.74 2.09 8.01
CA VAL A 181 22.90 1.89 7.14
C VAL A 181 23.30 3.20 6.47
N SER A 182 22.33 3.95 5.96
CA SER A 182 22.64 5.23 5.33
C SER A 182 23.19 6.23 6.34
N GLY A 183 22.78 6.12 7.61
CA GLY A 183 23.37 6.96 8.64
C GLY A 183 24.83 6.65 8.88
N LEU A 184 25.18 5.35 8.86
CA LEU A 184 26.58 4.96 9.00
C LEU A 184 27.38 5.34 7.76
N LEU A 185 26.76 5.28 6.57
CA LEU A 185 27.47 5.68 5.36
C LEU A 185 27.70 7.19 5.32
N ALA A 186 26.68 7.97 5.71
CA ALA A 186 26.85 9.41 5.76
C ALA A 186 27.86 9.82 6.82
N LEU A 187 27.92 9.09 7.94
CA LEU A 187 28.90 9.38 8.97
C LEU A 187 30.31 8.97 8.52
N ALA A 188 30.43 7.80 7.89
CA ALA A 188 31.74 7.32 7.43
C ALA A 188 32.27 8.15 6.27
N LEU A 189 31.40 8.82 5.52
CA LEU A 189 31.83 9.63 4.38
C LEU A 189 32.30 11.02 4.80
N VAL A 190 31.65 11.63 5.79
CA VAL A 190 32.05 12.96 6.23
C VAL A 190 33.32 12.86 7.08
N LYS A 191 33.32 11.97 8.07
CA LYS A 191 34.47 11.80 8.95
C LYS A 191 35.64 11.11 8.26
N ARG A 192 35.43 10.56 7.05
CA ARG A 192 36.47 9.83 6.32
C ARG A 192 37.02 8.66 7.15
N ASN A 193 36.14 8.03 7.92
CA ASN A 193 36.49 6.91 8.78
C ASN A 193 35.92 5.63 8.16
N TRP A 194 36.81 4.67 7.90
CA TRP A 194 36.39 3.42 7.29
C TRP A 194 35.65 2.50 8.24
N ARG A 195 35.63 2.82 9.54
CA ARG A 195 35.00 1.91 10.52
C ARG A 195 33.49 1.91 10.40
N PRO A 196 32.78 3.04 10.37
CA PRO A 196 31.32 2.98 10.16
C PRO A 196 30.95 2.42 8.78
N LEU A 197 31.82 2.59 7.79
CA LEU A 197 31.55 2.01 6.48
C LEU A 197 31.53 0.48 6.53
N VAL A 198 32.50 -0.11 7.23
CA VAL A 198 32.53 -1.57 7.35
C VAL A 198 31.32 -2.06 8.13
N VAL A 199 30.96 -1.36 9.21
CA VAL A 199 29.79 -1.74 10.00
C VAL A 199 28.52 -1.63 9.15
N ALA A 200 28.46 -0.60 8.30
CA ALA A 200 27.30 -0.43 7.42
C ALA A 200 27.21 -1.56 6.40
N VAL A 201 28.35 -1.93 5.80
CA VAL A 201 28.35 -3.01 4.82
C VAL A 201 28.02 -4.34 5.49
N VAL A 202 28.48 -4.53 6.73
CA VAL A 202 28.16 -5.75 7.46
C VAL A 202 26.67 -5.81 7.76
N LEU A 203 26.12 -4.74 8.35
CA LEU A 203 24.70 -4.71 8.67
C LEU A 203 23.81 -4.79 7.44
N PHE A 204 24.34 -4.43 6.27
CA PHE A 204 23.57 -4.53 5.04
C PHE A 204 23.67 -5.90 4.38
N ALA A 205 24.79 -6.60 4.58
CA ALA A 205 24.97 -7.92 3.98
C ALA A 205 24.42 -9.05 4.85
N LEU A 206 24.15 -8.78 6.12
CA LEU A 206 23.61 -9.79 7.03
C LEU A 206 22.20 -10.24 6.66
N PRO A 207 21.28 -9.36 6.26
CA PRO A 207 19.92 -9.82 5.93
C PRO A 207 19.81 -10.53 4.59
N PHE A 208 20.91 -10.71 3.84
CA PHE A 208 20.79 -11.35 2.54
C PHE A 208 20.47 -12.84 2.64
N PRO A 209 21.13 -13.65 3.49
CA PRO A 209 20.79 -15.08 3.55
C PRO A 209 19.37 -15.38 4.02
N LEU A 210 18.61 -14.34 4.34
CA LEU A 210 17.23 -14.53 4.77
C LEU A 210 16.25 -14.71 3.61
N ARG A 211 16.66 -14.33 2.39
CA ARG A 211 15.78 -14.47 1.24
C ARG A 211 15.65 -15.92 0.75
N TYR A 212 16.53 -16.82 1.21
CA TYR A 212 16.49 -18.21 0.81
C TYR A 212 15.82 -19.09 1.85
N ILE A 213 14.91 -18.53 2.63
CA ILE A 213 14.13 -19.27 3.62
C ILE A 213 12.66 -19.14 3.26
N GLN A 214 11.93 -20.25 3.37
CA GLN A 214 10.51 -20.31 3.03
C GLN A 214 9.73 -20.75 4.27
N TRP A 215 8.99 -19.82 4.86
CA TRP A 215 8.11 -20.14 5.99
C TRP A 215 6.80 -20.78 5.56
N PHE A 216 6.56 -20.90 4.26
CA PHE A 216 5.33 -21.46 3.74
C PHE A 216 5.58 -22.85 3.15
N THR A 217 4.49 -23.58 2.96
CA THR A 217 4.52 -24.91 2.33
C THR A 217 3.43 -24.96 1.26
N PRO A 218 3.78 -24.85 -0.01
CA PRO A 218 2.75 -24.87 -1.06
C PRO A 218 2.09 -26.24 -1.16
N GLN A 219 0.82 -26.23 -1.54
CA GLN A 219 0.00 -27.43 -1.67
C GLN A 219 -0.39 -27.59 -3.13
N PRO A 220 0.44 -28.27 -3.94
CA PRO A 220 0.10 -28.43 -5.36
C PRO A 220 -1.17 -29.21 -5.60
N GLU A 221 -1.64 -30.00 -4.62
CA GLU A 221 -2.89 -30.73 -4.79
C GLU A 221 -4.08 -29.78 -4.85
N LYS A 222 -4.00 -28.64 -4.16
CA LYS A 222 -5.07 -27.65 -4.13
C LYS A 222 -4.87 -26.54 -5.16
N THR A 223 -4.18 -26.84 -6.26
CA THR A 223 -3.99 -25.87 -7.32
C THR A 223 -5.26 -25.73 -8.13
N ILE A 224 -5.69 -24.49 -8.36
CA ILE A 224 -6.93 -24.21 -9.08
C ILE A 224 -6.65 -23.13 -10.12
N GLN A 225 -7.58 -23.03 -11.08
CA GLN A 225 -7.49 -22.06 -12.17
C GLN A 225 -8.31 -20.84 -11.80
N VAL A 226 -7.66 -19.68 -11.73
CA VAL A 226 -8.30 -18.43 -11.37
C VAL A 226 -8.30 -17.50 -12.57
N SER A 227 -9.38 -16.72 -12.71
CA SER A 227 -9.52 -15.76 -13.79
C SER A 227 -9.88 -14.41 -13.22
N MET A 228 -9.31 -13.35 -13.79
CA MET A 228 -9.57 -11.98 -13.37
C MET A 228 -9.87 -11.13 -14.60
N VAL A 229 -11.07 -10.57 -14.65
CA VAL A 229 -11.53 -9.80 -15.80
C VAL A 229 -11.11 -8.34 -15.62
N GLN A 230 -10.56 -7.76 -16.69
CA GLN A 230 -10.17 -6.35 -16.72
C GLN A 230 -11.15 -5.64 -17.64
N GLY A 231 -12.14 -4.96 -17.05
CA GLY A 231 -13.21 -4.39 -17.85
C GLY A 231 -12.76 -3.23 -18.71
N ASP A 232 -12.02 -2.30 -18.13
CA ASP A 232 -11.55 -1.08 -18.81
C ASP A 232 -12.74 -0.29 -19.36
N ILE A 233 -13.59 0.15 -18.43
CA ILE A 233 -14.79 0.91 -18.78
C ILE A 233 -14.48 2.40 -18.64
N PRO A 234 -15.10 3.26 -19.45
CA PRO A 234 -14.82 4.69 -19.33
C PRO A 234 -15.43 5.28 -18.07
N GLN A 235 -14.75 6.28 -17.53
CA GLN A 235 -15.17 6.92 -16.29
C GLN A 235 -16.09 8.10 -16.59
N SER A 236 -17.26 8.10 -15.95
CA SER A 236 -18.21 9.21 -16.07
C SER A 236 -18.92 9.37 -14.74
N LEU A 237 -18.80 10.57 -14.15
CA LEU A 237 -19.45 10.82 -12.87
C LEU A 237 -20.95 10.63 -12.95
N LYS A 238 -21.55 10.94 -14.09
CA LYS A 238 -23.00 10.81 -14.27
C LYS A 238 -23.35 9.35 -14.55
N TRP A 239 -24.31 8.83 -13.78
CA TRP A 239 -24.84 7.48 -14.01
C TRP A 239 -25.91 7.57 -15.09
N ASP A 240 -25.51 7.27 -16.32
CA ASP A 240 -26.42 7.37 -17.46
C ASP A 240 -27.06 6.01 -17.73
N GLU A 241 -28.04 6.02 -18.63
CA GLU A 241 -28.67 4.78 -19.07
C GLU A 241 -27.82 4.14 -20.16
N GLY A 242 -27.82 2.80 -20.16
CA GLY A 242 -27.06 2.08 -21.16
C GLY A 242 -25.63 1.82 -20.73
N GLN A 243 -25.07 2.74 -19.95
CA GLN A 243 -23.74 2.53 -19.39
C GLN A 243 -23.72 1.30 -18.49
N LEU A 244 -24.79 1.08 -17.73
CA LEU A 244 -24.89 -0.12 -16.91
C LEU A 244 -25.12 -1.35 -17.79
N LEU A 245 -25.96 -1.22 -18.82
CA LEU A 245 -26.22 -2.35 -19.71
C LEU A 245 -24.96 -2.74 -20.47
N ASN A 246 -24.16 -1.77 -20.88
CA ASN A 246 -22.92 -2.07 -21.59
C ASN A 246 -21.88 -2.67 -20.64
N THR A 247 -21.83 -2.17 -19.40
CA THR A 247 -20.87 -2.71 -18.44
C THR A 247 -21.23 -4.13 -18.03
N LEU A 248 -22.52 -4.40 -17.79
CA LEU A 248 -22.94 -5.75 -17.44
C LEU A 248 -22.73 -6.71 -18.60
N LYS A 249 -22.93 -6.25 -19.83
CA LYS A 249 -22.73 -7.11 -20.99
C LYS A 249 -21.26 -7.45 -21.17
N ILE A 250 -20.38 -6.48 -20.93
CA ILE A 250 -18.95 -6.71 -21.13
C ILE A 250 -18.41 -7.70 -20.10
N TYR A 251 -18.78 -7.52 -18.83
CA TYR A 251 -18.24 -8.38 -17.78
C TYR A 251 -18.79 -9.81 -17.87
N TYR A 252 -20.04 -9.97 -18.33
CA TYR A 252 -20.60 -11.31 -18.44
C TYR A 252 -20.01 -12.07 -19.62
N ASN A 253 -20.01 -11.44 -20.81
CA ASN A 253 -19.52 -12.11 -22.00
C ASN A 253 -18.05 -12.51 -21.87
N ALA A 254 -17.28 -11.83 -21.02
CA ALA A 254 -15.93 -12.27 -20.73
C ALA A 254 -15.89 -13.34 -19.65
N THR A 255 -16.98 -13.50 -18.89
CA THR A 255 -17.04 -14.48 -17.81
C THR A 255 -17.73 -15.78 -18.22
N ALA A 256 -18.72 -15.71 -19.11
CA ALA A 256 -19.45 -16.91 -19.49
C ALA A 256 -18.56 -18.01 -20.06
N PRO A 257 -17.61 -17.75 -20.96
CA PRO A 257 -16.73 -18.84 -21.42
C PRO A 257 -15.84 -19.42 -20.32
N LEU A 258 -15.55 -18.66 -19.26
CA LEU A 258 -14.69 -19.14 -18.20
C LEU A 258 -15.38 -20.16 -17.31
N MET A 259 -16.70 -20.15 -17.25
CA MET A 259 -17.43 -21.05 -16.37
C MET A 259 -17.27 -22.50 -16.82
N GLY A 260 -16.99 -23.37 -15.86
CA GLY A 260 -16.64 -24.75 -16.16
C GLY A 260 -15.17 -24.98 -16.45
N LYS A 261 -14.38 -23.92 -16.57
CA LYS A 261 -12.95 -24.01 -16.81
C LYS A 261 -12.12 -23.39 -15.69
N SER A 262 -12.55 -22.25 -15.16
CA SER A 262 -11.90 -21.60 -14.03
C SER A 262 -12.84 -21.64 -12.83
N SER A 263 -12.31 -22.09 -11.69
CA SER A 263 -13.13 -22.23 -10.50
C SER A 263 -13.40 -20.90 -9.81
N LEU A 264 -12.47 -19.96 -9.89
CA LEU A 264 -12.59 -18.67 -9.22
C LEU A 264 -12.45 -17.56 -10.25
N ILE A 265 -13.49 -16.73 -10.37
CA ILE A 265 -13.49 -15.57 -11.26
C ILE A 265 -13.60 -14.32 -10.41
N ILE A 266 -12.76 -13.33 -10.69
CA ILE A 266 -12.67 -12.11 -9.89
C ILE A 266 -12.94 -10.91 -10.80
N TRP A 267 -13.85 -10.04 -10.37
CA TRP A 267 -14.12 -8.76 -11.00
C TRP A 267 -13.57 -7.62 -10.15
N PRO A 268 -13.15 -6.51 -10.76
CA PRO A 268 -12.49 -5.45 -9.99
C PRO A 268 -13.44 -4.67 -9.07
N GLU A 269 -12.93 -3.55 -8.54
CA GLU A 269 -13.69 -2.77 -7.58
C GLU A 269 -14.85 -2.05 -8.27
N SER A 270 -16.04 -2.16 -7.68
CA SER A 270 -17.24 -1.49 -8.18
C SER A 270 -17.50 -1.82 -9.65
N ALA A 271 -17.28 -3.08 -10.01
CA ALA A 271 -17.52 -3.52 -11.38
C ALA A 271 -18.98 -3.28 -11.77
N ILE A 272 -19.91 -3.81 -10.97
CA ILE A 272 -21.33 -3.54 -11.16
C ILE A 272 -21.60 -2.11 -10.70
N THR A 273 -21.63 -1.17 -11.63
CA THR A 273 -21.81 0.25 -11.32
C THR A 273 -23.21 0.59 -10.80
N ASP A 274 -24.05 -0.39 -10.48
CA ASP A 274 -25.36 -0.17 -9.93
C ASP A 274 -25.38 -0.62 -8.47
N LEU A 275 -26.43 -0.22 -7.75
CA LEU A 275 -26.60 -0.63 -6.37
C LEU A 275 -26.92 -2.12 -6.29
N GLU A 276 -26.51 -2.75 -5.19
CA GLU A 276 -26.75 -4.18 -5.02
C GLU A 276 -28.24 -4.49 -4.91
N ILE A 277 -29.03 -3.58 -4.32
CA ILE A 277 -30.44 -3.83 -4.14
C ILE A 277 -31.20 -3.74 -5.46
N ASN A 278 -30.60 -3.15 -6.50
CA ASN A 278 -31.26 -3.02 -7.79
C ASN A 278 -30.92 -4.16 -8.75
N GLN A 279 -29.84 -4.89 -8.50
CA GLN A 279 -29.42 -5.98 -9.36
C GLN A 279 -29.66 -7.34 -8.70
N GLN A 280 -30.71 -7.44 -7.88
CA GLN A 280 -31.03 -8.73 -7.25
C GLN A 280 -31.36 -9.82 -8.26
N PRO A 281 -32.21 -9.60 -9.27
CA PRO A 281 -32.42 -10.68 -10.26
C PRO A 281 -31.19 -10.97 -11.09
N PHE A 282 -30.33 -9.97 -11.33
CA PHE A 282 -29.11 -10.22 -12.09
C PHE A 282 -28.13 -11.07 -11.31
N LEU A 283 -28.05 -10.85 -9.99
CA LEU A 283 -27.14 -11.65 -9.16
C LEU A 283 -27.71 -13.02 -8.87
N LYS A 284 -29.02 -13.13 -8.70
CA LYS A 284 -29.65 -14.43 -8.48
C LYS A 284 -29.46 -15.33 -9.71
N ALA A 285 -29.71 -14.79 -10.90
CA ALA A 285 -29.58 -15.58 -12.12
C ALA A 285 -28.12 -15.96 -12.39
N LEU A 286 -27.18 -15.07 -12.03
CA LEU A 286 -25.78 -15.39 -12.23
C LEU A 286 -25.25 -16.36 -11.19
N ASP A 287 -25.75 -16.28 -9.95
CA ASP A 287 -25.33 -17.22 -8.92
C ASP A 287 -25.78 -18.64 -9.26
N GLY A 288 -27.00 -18.80 -9.75
CA GLY A 288 -27.49 -20.14 -10.09
C GLY A 288 -26.74 -20.76 -11.24
N GLU A 289 -26.34 -19.95 -12.22
CA GLU A 289 -25.61 -20.48 -13.36
C GLU A 289 -24.20 -20.90 -12.97
N LEU A 290 -23.57 -20.16 -12.05
CA LEU A 290 -22.23 -20.51 -11.59
C LEU A 290 -22.26 -21.80 -10.77
N ARG A 291 -23.29 -21.99 -9.95
CA ARG A 291 -23.37 -23.19 -9.13
C ARG A 291 -23.58 -24.44 -9.99
N ASP A 292 -24.26 -24.30 -11.13
CA ASP A 292 -24.48 -25.45 -12.00
C ASP A 292 -23.19 -25.88 -12.71
N LYS A 293 -22.40 -24.91 -13.18
CA LYS A 293 -21.16 -25.19 -13.88
C LYS A 293 -19.96 -25.28 -12.95
N GLY A 294 -20.19 -25.27 -11.63
CA GLY A 294 -19.12 -25.46 -10.66
C GLY A 294 -18.06 -24.37 -10.65
N SER A 295 -18.47 -23.14 -10.33
CA SER A 295 -17.54 -22.03 -10.27
C SER A 295 -18.09 -20.98 -9.32
N SER A 296 -17.21 -20.05 -8.94
CA SER A 296 -17.56 -18.96 -8.04
C SER A 296 -17.13 -17.63 -8.65
N LEU A 297 -17.77 -16.55 -8.21
CA LEU A 297 -17.47 -15.21 -8.68
C LEU A 297 -17.32 -14.28 -7.48
N VAL A 298 -16.24 -13.50 -7.49
CA VAL A 298 -15.98 -12.49 -6.47
C VAL A 298 -15.90 -11.15 -7.17
N THR A 299 -16.89 -10.30 -6.94
CA THR A 299 -16.99 -9.02 -7.63
C THR A 299 -17.25 -7.89 -6.63
N GLY A 300 -16.78 -6.70 -6.98
CA GLY A 300 -17.05 -5.51 -6.19
C GLY A 300 -18.33 -4.82 -6.64
N ILE A 301 -18.99 -4.17 -5.69
CA ILE A 301 -20.27 -3.52 -5.96
C ILE A 301 -20.52 -2.51 -4.84
N VAL A 302 -21.45 -1.59 -5.09
CA VAL A 302 -21.86 -0.60 -4.11
C VAL A 302 -23.16 -1.06 -3.47
N ASP A 303 -23.17 -1.14 -2.14
CA ASP A 303 -24.32 -1.64 -1.39
C ASP A 303 -24.94 -0.48 -0.61
N ALA A 304 -26.18 -0.14 -0.94
CA ALA A 304 -26.97 0.84 -0.20
C ALA A 304 -27.96 0.09 0.67
N ARG A 305 -27.59 -0.13 1.93
CA ARG A 305 -28.37 -0.95 2.84
C ARG A 305 -29.13 -0.08 3.83
N LEU A 306 -30.33 -0.52 4.20
CA LEU A 306 -31.16 0.22 5.14
C LEU A 306 -30.78 -0.15 6.56
N ASN A 307 -30.41 0.85 7.37
CA ASN A 307 -30.13 0.63 8.77
C ASN A 307 -31.44 0.39 9.53
N LYS A 308 -31.31 -0.17 10.74
CA LYS A 308 -32.47 -0.33 11.60
C LYS A 308 -33.03 1.01 12.06
N GLN A 309 -32.26 2.09 11.89
CA GLN A 309 -32.73 3.45 12.09
C GLN A 309 -33.53 3.98 10.90
N ASN A 310 -33.86 3.10 9.94
CA ASN A 310 -34.49 3.46 8.68
C ASN A 310 -33.67 4.49 7.90
N ARG A 311 -32.35 4.41 8.06
CA ARG A 311 -31.41 5.25 7.33
C ARG A 311 -30.62 4.39 6.35
N TYR A 312 -30.10 5.04 5.30
CA TYR A 312 -29.33 4.35 4.28
C TYR A 312 -27.84 4.46 4.57
N ASP A 313 -27.14 3.35 4.46
CA ASP A 313 -25.69 3.27 4.63
C ASP A 313 -25.08 2.72 3.36
N THR A 314 -24.20 3.51 2.73
CA THR A 314 -23.57 3.14 1.48
C THR A 314 -22.19 2.54 1.76
N TYR A 315 -21.95 1.34 1.24
CA TYR A 315 -20.71 0.63 1.44
C TYR A 315 -20.04 0.34 0.09
N ASN A 316 -18.70 0.37 0.09
CA ASN A 316 -17.92 -0.16 -1.02
C ASN A 316 -17.69 -1.63 -0.72
N THR A 317 -18.51 -2.49 -1.32
CA THR A 317 -18.65 -3.86 -0.89
C THR A 317 -18.07 -4.84 -1.90
N ILE A 318 -17.64 -5.99 -1.40
CA ILE A 318 -17.26 -7.15 -2.21
C ILE A 318 -18.25 -8.27 -1.92
N ILE A 319 -18.86 -8.81 -2.97
CA ILE A 319 -19.86 -9.86 -2.82
C ILE A 319 -19.35 -11.12 -3.51
N THR A 320 -19.92 -12.26 -3.10
CA THR A 320 -19.54 -13.56 -3.62
C THR A 320 -20.78 -14.29 -4.15
N LEU A 321 -20.58 -15.06 -5.20
CA LEU A 321 -21.65 -15.82 -5.83
C LEU A 321 -21.09 -17.15 -6.33
N GLY A 322 -21.99 -18.10 -6.55
CA GLY A 322 -21.66 -19.35 -7.22
C GLY A 322 -21.58 -20.54 -6.29
N LYS A 323 -20.83 -21.54 -6.74
CA LYS A 323 -20.66 -22.78 -5.99
C LYS A 323 -19.90 -22.52 -4.70
N GLY A 324 -20.37 -23.14 -3.61
CA GLY A 324 -19.77 -22.94 -2.31
C GLY A 324 -20.04 -21.59 -1.69
N ALA A 325 -20.74 -20.69 -2.38
CA ALA A 325 -21.08 -19.37 -1.86
C ALA A 325 -22.37 -18.89 -2.50
N PRO A 326 -23.51 -19.42 -2.07
CA PRO A 326 -24.79 -18.99 -2.64
C PRO A 326 -25.08 -17.55 -2.27
N TYR A 327 -25.46 -16.75 -3.27
CA TYR A 327 -25.66 -15.32 -3.05
C TYR A 327 -26.94 -15.08 -2.25
N SER A 328 -26.86 -14.11 -1.34
CA SER A 328 -28.02 -13.65 -0.58
C SER A 328 -27.73 -12.25 -0.09
N TYR A 329 -28.74 -11.37 -0.17
CA TYR A 329 -28.54 -9.99 0.25
C TYR A 329 -28.24 -9.88 1.74
N GLU A 330 -28.56 -10.90 2.52
CA GLU A 330 -28.29 -10.93 3.95
C GLU A 330 -27.14 -11.86 4.31
N SER A 331 -26.32 -12.25 3.33
CA SER A 331 -25.22 -13.16 3.58
C SER A 331 -24.04 -12.42 4.18
N ALA A 332 -23.37 -13.07 5.13
CA ALA A 332 -22.22 -12.50 5.81
C ALA A 332 -20.91 -12.74 5.06
N ASP A 333 -20.94 -13.48 3.95
CA ASP A 333 -19.73 -13.75 3.17
C ASP A 333 -19.46 -12.59 2.23
N ARG A 334 -19.37 -11.38 2.78
CA ARG A 334 -19.09 -10.18 2.02
C ARG A 334 -17.94 -9.42 2.70
N TYR A 335 -17.53 -8.32 2.08
CA TYR A 335 -16.46 -7.48 2.61
C TYR A 335 -16.79 -6.03 2.35
N ASN A 336 -16.89 -5.25 3.42
CA ASN A 336 -17.12 -3.81 3.33
C ASN A 336 -15.82 -3.06 3.61
N LYS A 337 -15.64 -1.93 2.93
CA LYS A 337 -14.43 -1.14 3.07
C LYS A 337 -14.37 -0.49 4.46
N ASN A 338 -13.18 -0.49 5.04
CA ASN A 338 -13.00 0.07 6.38
C ASN A 338 -12.38 1.46 6.33
N HIS A 339 -11.10 1.54 5.97
CA HIS A 339 -10.41 2.82 5.89
C HIS A 339 -10.71 3.49 4.56
N LEU A 340 -11.37 4.64 4.60
CA LEU A 340 -11.82 5.33 3.41
C LEU A 340 -10.85 6.43 3.02
N VAL A 341 -10.83 6.74 1.72
CA VAL A 341 -10.02 7.85 1.21
C VAL A 341 -10.57 9.16 1.78
N PRO A 342 -9.70 10.07 2.28
CA PRO A 342 -10.19 11.27 2.97
C PRO A 342 -11.20 12.10 2.19
N PHE A 343 -10.84 12.55 0.98
CA PHE A 343 -11.71 13.45 0.24
C PHE A 343 -12.64 12.75 -0.74
N GLY A 344 -12.16 11.72 -1.42
CA GLY A 344 -12.93 11.13 -2.51
C GLY A 344 -14.14 10.33 -2.05
N GLU A 345 -14.10 9.79 -0.82
CA GLU A 345 -15.15 8.89 -0.37
C GLU A 345 -15.99 9.42 0.79
N PHE A 346 -15.49 10.38 1.56
CA PHE A 346 -16.28 10.96 2.64
C PHE A 346 -15.86 12.41 2.83
N VAL A 347 -16.51 13.08 3.77
CA VAL A 347 -16.25 14.47 4.12
C VAL A 347 -15.62 14.49 5.51
N PRO A 348 -14.43 15.09 5.67
CA PRO A 348 -13.81 15.09 7.01
C PRO A 348 -14.59 15.91 8.03
N LEU A 349 -15.16 17.05 7.62
CA LEU A 349 -15.93 17.87 8.54
C LEU A 349 -17.22 17.16 8.93
N GLU A 350 -17.50 17.12 10.23
CA GLU A 350 -18.67 16.40 10.72
CA GLU A 350 -18.67 16.40 10.72
C GLU A 350 -19.96 17.20 10.49
N SER A 351 -19.91 18.51 10.69
CA SER A 351 -21.09 19.35 10.51
C SER A 351 -20.70 20.64 9.80
N ILE A 352 -21.38 20.93 8.70
CA ILE A 352 -21.17 22.16 7.94
C ILE A 352 -22.45 22.94 7.73
N LEU A 353 -23.59 22.45 8.21
CA LEU A 353 -24.86 23.14 8.06
C LEU A 353 -25.12 24.09 9.23
N SER A 365 -22.29 14.10 0.42
CA SER A 365 -22.21 12.68 0.15
C SER A 365 -21.07 12.03 0.92
N SER A 366 -21.41 11.09 1.80
CA SER A 366 -20.43 10.40 2.62
C SER A 366 -20.74 8.90 2.64
N PHE A 367 -19.70 8.09 2.53
CA PHE A 367 -19.83 6.64 2.58
C PHE A 367 -19.90 6.18 4.03
N SER A 368 -19.80 4.87 4.25
CA SER A 368 -19.83 4.28 5.58
C SER A 368 -18.69 3.29 5.72
N ARG A 369 -18.01 3.36 6.86
CA ARG A 369 -16.88 2.48 7.13
C ARG A 369 -17.37 1.11 7.60
N GLY A 370 -16.62 0.07 7.22
CA GLY A 370 -16.90 -1.27 7.68
C GLY A 370 -16.10 -1.60 8.92
N PRO A 371 -16.25 -2.83 9.42
CA PRO A 371 -15.47 -3.24 10.59
C PRO A 371 -13.98 -3.28 10.30
N TYR A 372 -13.19 -3.01 11.33
CA TYR A 372 -11.74 -3.07 11.19
C TYR A 372 -11.25 -4.48 10.92
N ILE A 373 -11.96 -5.48 11.45
CA ILE A 373 -11.64 -6.89 11.21
C ILE A 373 -12.88 -7.57 10.63
N GLN A 374 -12.70 -8.22 9.49
CA GLN A 374 -13.79 -8.93 8.83
C GLN A 374 -13.32 -10.34 8.48
N PRO A 375 -14.20 -11.33 8.57
CA PRO A 375 -13.81 -12.69 8.24
C PRO A 375 -13.44 -12.81 6.77
N PRO A 376 -12.58 -13.75 6.42
CA PRO A 376 -12.19 -13.90 5.02
C PRO A 376 -13.35 -14.42 4.18
N LEU A 377 -13.30 -14.08 2.89
CA LEU A 377 -14.31 -14.53 1.94
C LEU A 377 -14.10 -16.00 1.60
N SER A 378 -15.20 -16.74 1.52
CA SER A 378 -15.16 -18.17 1.24
C SER A 378 -15.83 -18.43 -0.10
N ALA A 379 -15.06 -18.95 -1.06
CA ALA A 379 -15.57 -19.28 -2.38
C ALA A 379 -14.96 -20.62 -2.79
N ASN A 380 -15.81 -21.63 -2.98
CA ASN A 380 -15.36 -23.00 -3.28
C ASN A 380 -14.42 -23.52 -2.20
N GLY A 381 -14.69 -23.15 -0.95
CA GLY A 381 -13.85 -23.55 0.16
C GLY A 381 -12.53 -22.80 0.26
N ILE A 382 -12.30 -21.80 -0.58
CA ILE A 382 -11.05 -21.05 -0.57
C ILE A 382 -11.24 -19.80 0.28
N GLU A 383 -10.31 -19.57 1.20
CA GLU A 383 -10.35 -18.40 2.06
C GLU A 383 -9.55 -17.27 1.42
N LEU A 384 -10.13 -16.08 1.37
CA LEU A 384 -9.49 -14.91 0.79
C LEU A 384 -9.74 -13.71 1.69
N THR A 385 -8.68 -13.17 2.28
CA THR A 385 -8.77 -11.94 3.05
C THR A 385 -8.73 -10.76 2.09
N ALA A 386 -9.81 -9.97 2.05
CA ALA A 386 -9.96 -8.93 1.05
C ALA A 386 -9.43 -7.60 1.54
N ALA A 387 -9.02 -6.76 0.57
CA ALA A 387 -8.54 -5.41 0.84
C ALA A 387 -8.79 -4.58 -0.40
N ILE A 388 -9.60 -3.53 -0.27
CA ILE A 388 -10.06 -2.77 -1.43
C ILE A 388 -9.10 -1.61 -1.67
N CYS A 389 -8.40 -1.66 -2.81
CA CYS A 389 -7.64 -0.53 -3.32
C CYS A 389 -6.59 -0.02 -2.35
N TYR A 390 -6.86 1.13 -1.72
CA TYR A 390 -5.88 1.77 -0.85
C TYR A 390 -5.56 0.93 0.38
N GLU A 391 -6.47 0.02 0.78
CA GLU A 391 -6.28 -0.72 2.02
C GLU A 391 -5.14 -1.72 1.94
N ILE A 392 -4.63 -2.02 0.74
CA ILE A 392 -3.57 -3.03 0.64
C ILE A 392 -2.23 -2.51 1.13
N ILE A 393 -2.03 -1.18 1.13
CA ILE A 393 -0.75 -0.62 1.57
C ILE A 393 -0.63 -0.57 3.09
N LEU A 394 -1.69 -0.90 3.82
CA LEU A 394 -1.67 -0.86 5.28
C LEU A 394 -1.30 -2.26 5.77
N GLY A 395 0.00 -2.47 5.98
CA GLY A 395 0.48 -3.79 6.36
C GLY A 395 -0.04 -4.27 7.70
N GLU A 396 -0.22 -3.35 8.65
CA GLU A 396 -0.70 -3.74 9.96
C GLU A 396 -2.16 -4.19 9.92
N GLN A 397 -3.00 -3.46 9.17
CA GLN A 397 -4.41 -3.81 9.09
C GLN A 397 -4.62 -5.10 8.31
N VAL A 398 -3.82 -5.33 7.27
CA VAL A 398 -3.93 -6.56 6.49
C VAL A 398 -3.55 -7.77 7.32
N ARG A 399 -2.49 -7.65 8.13
CA ARG A 399 -2.09 -8.76 8.99
C ARG A 399 -3.16 -9.06 10.05
N ASP A 400 -3.79 -8.02 10.58
CA ASP A 400 -4.83 -8.23 11.58
C ASP A 400 -6.03 -8.96 10.98
N ASN A 401 -6.40 -8.61 9.75
CA ASN A 401 -7.45 -9.35 9.05
C ASN A 401 -6.98 -10.71 8.58
N PHE A 402 -5.67 -10.90 8.41
CA PHE A 402 -5.13 -12.18 7.97
C PHE A 402 -5.38 -13.25 9.01
N ARG A 403 -5.63 -14.48 8.53
CA ARG A 403 -5.86 -15.63 9.38
C ARG A 403 -5.06 -16.80 8.82
N PRO A 404 -4.69 -17.77 9.66
CA PRO A 404 -3.86 -18.88 9.17
C PRO A 404 -4.52 -19.70 8.07
N ASP A 405 -5.85 -19.81 8.06
CA ASP A 405 -6.54 -20.58 7.04
C ASP A 405 -6.68 -19.83 5.72
N THR A 406 -6.17 -18.62 5.62
CA THR A 406 -6.26 -17.85 4.38
C THR A 406 -5.43 -18.51 3.29
N ASP A 407 -6.06 -18.77 2.14
CA ASP A 407 -5.38 -19.41 1.02
C ASP A 407 -4.71 -18.39 0.09
N TYR A 408 -5.37 -17.28 -0.19
CA TYR A 408 -4.83 -16.25 -1.05
C TYR A 408 -5.19 -14.87 -0.50
N LEU A 409 -4.36 -13.89 -0.85
CA LEU A 409 -4.65 -12.49 -0.55
C LEU A 409 -5.37 -11.87 -1.74
N LEU A 410 -6.50 -11.23 -1.48
CA LEU A 410 -7.35 -10.66 -2.53
C LEU A 410 -7.32 -9.13 -2.44
N THR A 411 -7.14 -8.49 -3.59
CA THR A 411 -7.12 -7.03 -3.66
C THR A 411 -7.72 -6.60 -4.98
N ILE A 412 -8.80 -5.82 -4.93
CA ILE A 412 -9.42 -5.24 -6.11
C ILE A 412 -9.32 -3.73 -6.00
N SER A 413 -9.08 -3.06 -7.12
CA SER A 413 -8.90 -1.62 -7.14
C SER A 413 -9.32 -1.07 -8.49
N ASN A 414 -9.68 0.21 -8.50
CA ASN A 414 -10.04 0.93 -9.72
C ASN A 414 -9.00 2.03 -9.91
N ASP A 415 -7.89 1.69 -10.56
CA ASP A 415 -6.83 2.67 -10.77
C ASP A 415 -7.05 3.44 -12.06
N ALA A 416 -8.32 3.61 -12.44
CA ALA A 416 -8.63 4.44 -13.60
C ALA A 416 -8.21 5.89 -13.36
N TRP A 417 -8.29 6.34 -12.11
CA TRP A 417 -7.75 7.64 -11.75
C TRP A 417 -6.22 7.61 -11.86
N PHE A 418 -5.64 8.80 -12.01
CA PHE A 418 -4.22 8.99 -12.29
C PHE A 418 -3.67 7.95 -13.27
N GLY A 419 -4.24 7.98 -14.48
CA GLY A 419 -3.80 7.08 -15.52
C GLY A 419 -2.57 7.60 -16.24
N LYS A 420 -1.79 6.66 -16.78
CA LYS A 420 -0.54 6.96 -17.48
C LYS A 420 0.44 7.73 -16.60
N SER A 421 0.49 7.35 -15.32
CA SER A 421 1.37 7.99 -14.34
C SER A 421 2.08 6.92 -13.54
N ILE A 422 2.92 7.35 -12.59
CA ILE A 422 3.67 6.43 -11.75
C ILE A 422 2.88 5.99 -10.53
N GLY A 423 1.67 6.50 -10.34
CA GLY A 423 0.84 6.16 -9.20
C GLY A 423 0.53 4.67 -9.10
N PRO A 424 -0.13 4.11 -10.11
CA PRO A 424 -0.50 2.69 -10.03
C PRO A 424 0.67 1.74 -9.85
N TRP A 425 1.86 2.12 -10.30
CA TRP A 425 3.03 1.27 -10.10
C TRP A 425 3.45 1.27 -8.64
N GLN A 426 3.53 2.45 -8.02
CA GLN A 426 3.83 2.53 -6.59
C GLN A 426 2.78 1.78 -5.78
N HIS A 427 1.51 1.87 -6.19
CA HIS A 427 0.46 1.11 -5.53
C HIS A 427 0.66 -0.38 -5.74
N PHE A 428 1.02 -0.79 -6.95
CA PHE A 428 1.24 -2.20 -7.23
C PHE A 428 2.47 -2.73 -6.49
N GLN A 429 3.48 -1.89 -6.29
CA GLN A 429 4.68 -2.34 -5.59
C GLN A 429 4.40 -2.59 -4.11
N MET A 430 3.59 -1.72 -3.49
CA MET A 430 3.25 -1.91 -2.08
C MET A 430 2.38 -3.15 -1.87
N ALA A 431 1.60 -3.53 -2.89
CA ALA A 431 0.77 -4.73 -2.76
C ALA A 431 1.61 -6.00 -2.77
N ARG A 432 2.74 -5.98 -3.46
CA ARG A 432 3.61 -7.16 -3.49
C ARG A 432 4.22 -7.45 -2.13
N MET A 433 4.42 -6.41 -1.30
CA MET A 433 5.02 -6.61 0.01
C MET A 433 4.11 -7.42 0.92
N ARG A 434 2.80 -7.25 0.79
CA ARG A 434 1.86 -7.99 1.63
C ARG A 434 1.93 -9.49 1.37
N ALA A 435 2.17 -9.88 0.12
CA ALA A 435 2.34 -11.30 -0.19
C ALA A 435 3.60 -11.85 0.46
N LEU A 436 4.69 -11.09 0.44
CA LEU A 436 5.93 -11.53 1.05
C LEU A 436 5.86 -11.53 2.57
N GLU A 437 5.14 -10.56 3.15
CA GLU A 437 5.02 -10.50 4.61
C GLU A 437 4.25 -11.69 5.18
N LEU A 438 3.26 -12.20 4.43
CA LEU A 438 2.39 -13.26 4.92
C LEU A 438 2.63 -14.60 4.23
N ALA A 439 3.50 -14.65 3.24
CA ALA A 439 3.80 -15.89 2.50
C ALA A 439 2.54 -16.47 1.88
N ARG A 440 1.71 -15.61 1.30
CA ARG A 440 0.47 -16.01 0.65
C ARG A 440 0.41 -15.37 -0.74
N PRO A 441 -0.11 -16.09 -1.74
CA PRO A 441 -0.25 -15.50 -3.07
C PRO A 441 -1.23 -14.33 -3.05
N LEU A 442 -1.00 -13.38 -3.95
CA LEU A 442 -1.82 -12.18 -4.07
C LEU A 442 -2.57 -12.20 -5.39
N LEU A 443 -3.88 -11.97 -5.31
CA LEU A 443 -4.74 -11.89 -6.49
C LEU A 443 -5.22 -10.45 -6.63
N ARG A 444 -4.63 -9.72 -7.57
CA ARG A 444 -4.94 -8.31 -7.80
C ARG A 444 -5.69 -8.19 -9.12
N SER A 445 -6.95 -7.79 -9.05
CA SER A 445 -7.79 -7.57 -10.21
C SER A 445 -8.21 -6.10 -10.26
N THR A 446 -7.94 -5.44 -11.37
CA THR A 446 -8.20 -4.01 -11.51
C THR A 446 -9.04 -3.75 -12.76
N ASN A 447 -9.70 -2.59 -12.77
CA ASN A 447 -10.46 -2.17 -13.93
C ASN A 447 -9.55 -1.91 -15.12
N ASN A 448 -8.40 -1.28 -14.88
CA ASN A 448 -7.40 -1.09 -15.93
C ASN A 448 -5.99 -0.93 -15.39
N GLY A 449 -5.77 -1.09 -14.09
CA GLY A 449 -4.45 -0.92 -13.51
C GLY A 449 -3.54 -2.11 -13.74
N ILE A 450 -2.83 -2.52 -12.69
CA ILE A 450 -1.85 -3.60 -12.79
C ILE A 450 -2.54 -4.87 -12.28
N THR A 451 -3.21 -5.57 -13.19
CA THR A 451 -3.82 -6.85 -12.87
C THR A 451 -2.75 -7.94 -12.96
N ALA A 452 -2.40 -8.53 -11.82
CA ALA A 452 -1.30 -9.49 -11.79
C ALA A 452 -1.54 -10.51 -10.68
N VAL A 453 -0.76 -11.59 -10.72
CA VAL A 453 -0.76 -12.62 -9.69
C VAL A 453 0.63 -12.65 -9.08
N ILE A 454 0.73 -12.35 -7.79
CA ILE A 454 1.99 -12.29 -7.08
C ILE A 454 2.16 -13.54 -6.24
N GLY A 455 3.33 -14.15 -6.30
CA GLY A 455 3.59 -15.36 -5.58
C GLY A 455 3.81 -15.11 -4.10
N PRO A 456 4.10 -16.18 -3.35
CA PRO A 456 4.28 -16.04 -1.90
C PRO A 456 5.49 -15.20 -1.51
N GLN A 457 6.55 -15.20 -2.33
CA GLN A 457 7.76 -14.43 -2.04
C GLN A 457 7.79 -13.11 -2.80
N GLY A 458 6.64 -12.49 -3.03
CA GLY A 458 6.58 -11.28 -3.81
C GLY A 458 6.86 -11.45 -5.29
N GLU A 459 7.08 -12.68 -5.75
CA GLU A 459 7.38 -12.92 -7.15
C GLU A 459 6.13 -12.76 -8.01
N ILE A 460 6.30 -12.17 -9.18
CA ILE A 460 5.20 -11.96 -10.12
C ILE A 460 5.06 -13.21 -10.96
N GLN A 461 3.95 -13.94 -10.79
CA GLN A 461 3.71 -15.17 -11.52
C GLN A 461 2.98 -14.93 -12.84
N ALA A 462 2.16 -13.89 -12.92
CA ALA A 462 1.43 -13.58 -14.14
C ALA A 462 1.05 -12.11 -14.11
N MET A 463 0.90 -11.52 -15.30
CA MET A 463 0.57 -10.11 -15.42
C MET A 463 0.11 -9.82 -16.84
N ILE A 464 -0.93 -8.99 -16.96
CA ILE A 464 -1.44 -8.56 -18.26
C ILE A 464 -1.19 -7.06 -18.38
N PRO A 465 -1.07 -6.52 -19.60
CA PRO A 465 -0.81 -5.08 -19.75
C PRO A 465 -1.98 -4.25 -19.27
N GLN A 466 -1.74 -2.94 -19.18
CA GLN A 466 -2.75 -1.99 -18.75
C GLN A 466 -3.51 -1.44 -19.96
N PHE A 467 -4.56 -0.68 -19.65
CA PHE A 467 -5.35 0.04 -20.66
C PHE A 467 -5.90 -0.89 -21.74
N THR A 468 -6.12 -2.16 -21.39
CA THR A 468 -6.66 -3.14 -22.33
C THR A 468 -7.87 -3.81 -21.71
N ARG A 469 -8.65 -4.48 -22.55
CA ARG A 469 -9.83 -5.22 -22.12
C ARG A 469 -9.56 -6.71 -22.29
N GLU A 470 -8.63 -7.21 -21.47
CA GLU A 470 -8.21 -8.60 -21.50
C GLU A 470 -8.69 -9.33 -20.25
N VAL A 471 -8.36 -10.61 -20.16
CA VAL A 471 -8.70 -11.45 -19.02
C VAL A 471 -7.44 -12.22 -18.62
N LEU A 472 -7.01 -12.05 -17.37
CA LEU A 472 -5.85 -12.75 -16.84
C LEU A 472 -6.29 -14.08 -16.24
N THR A 473 -5.94 -15.17 -16.91
CA THR A 473 -6.27 -16.51 -16.46
C THR A 473 -4.98 -17.30 -16.28
N THR A 474 -4.78 -17.83 -15.08
CA THR A 474 -3.57 -18.59 -14.76
C THR A 474 -3.91 -19.60 -13.65
N ASN A 475 -2.88 -20.29 -13.20
CA ASN A 475 -3.01 -21.29 -12.13
C ASN A 475 -2.25 -20.81 -10.89
N VAL A 476 -2.89 -20.95 -9.74
CA VAL A 476 -2.31 -20.53 -8.47
C VAL A 476 -2.32 -21.71 -7.51
N THR A 477 -1.32 -21.74 -6.64
CA THR A 477 -1.16 -22.79 -5.65
C THR A 477 -1.19 -22.17 -4.26
N PRO A 478 -2.02 -22.67 -3.34
CA PRO A 478 -2.11 -22.06 -2.02
C PRO A 478 -1.01 -22.54 -1.08
N THR A 479 -0.72 -21.71 -0.09
CA THR A 479 0.24 -22.04 0.95
C THR A 479 -0.45 -21.98 2.32
N THR A 480 0.21 -22.56 3.31
CA THR A 480 -0.37 -22.67 4.65
C THR A 480 0.69 -22.46 5.72
N GLY A 481 1.62 -21.54 5.48
CA GLY A 481 2.67 -21.22 6.43
C GLY A 481 2.23 -20.21 7.46
N LEU A 482 3.19 -19.77 8.26
CA LEU A 482 2.96 -18.77 9.30
C LEU A 482 4.27 -18.02 9.52
N THR A 483 4.41 -16.87 8.87
CA THR A 483 5.61 -16.07 9.01
C THR A 483 5.67 -15.45 10.41
N PRO A 484 6.88 -15.13 10.90
CA PRO A 484 6.97 -14.43 12.19
C PRO A 484 6.22 -13.11 12.22
N TYR A 485 6.17 -12.40 11.10
CA TYR A 485 5.38 -11.16 11.06
C TYR A 485 3.89 -11.44 11.18
N ALA A 486 3.44 -12.60 10.72
CA ALA A 486 2.02 -12.94 10.85
C ALA A 486 1.63 -13.19 12.30
N ARG A 487 2.55 -13.69 13.12
CA ARG A 487 2.25 -13.94 14.53
C ARG A 487 2.33 -12.66 15.35
N THR A 488 3.32 -11.82 15.07
CA THR A 488 3.61 -10.65 15.91
C THR A 488 3.20 -9.34 15.26
N GLY A 489 3.59 -9.11 14.01
CA GLY A 489 3.34 -7.84 13.36
C GLY A 489 4.45 -6.85 13.59
N ASN A 490 4.15 -5.56 13.59
CA ASN A 490 5.14 -4.54 13.92
C ASN A 490 5.34 -4.40 15.42
N TRP A 491 4.73 -5.27 16.22
CA TRP A 491 4.90 -5.21 17.66
C TRP A 491 6.35 -5.36 18.12
N PRO A 492 7.16 -6.30 17.60
CA PRO A 492 8.56 -6.33 18.02
C PRO A 492 9.36 -5.12 17.58
N LEU A 493 8.96 -4.47 16.48
CA LEU A 493 9.69 -3.30 16.00
C LEU A 493 9.57 -2.13 16.96
N TRP A 494 8.37 -1.91 17.52
CA TRP A 494 8.20 -0.86 18.51
C TRP A 494 9.00 -1.12 19.76
N VAL A 495 9.19 -2.39 20.12
CA VAL A 495 10.05 -2.72 21.27
C VAL A 495 11.48 -2.30 20.99
N LEU A 496 12.00 -2.69 19.82
CA LEU A 496 13.35 -2.29 19.45
C LEU A 496 13.43 -0.78 19.21
N THR A 497 12.35 -0.15 18.76
CA THR A 497 12.33 1.30 18.61
C THR A 497 12.39 2.00 19.95
N ALA A 498 11.66 1.46 20.94
CA ALA A 498 11.68 2.05 22.28
C ALA A 498 13.05 1.89 22.95
N LEU A 499 13.75 0.79 22.67
CA LEU A 499 15.08 0.60 23.23
C LEU A 499 16.07 1.61 22.67
N PHE A 500 16.06 1.81 21.35
CA PHE A 500 16.92 2.82 20.75
C PHE A 500 16.50 4.22 21.17
N GLY A 501 15.20 4.45 21.29
CA GLY A 501 14.73 5.77 21.67
C GLY A 501 15.07 6.12 23.10
N PHE A 502 14.87 5.18 24.02
CA PHE A 502 15.21 5.44 25.42
C PHE A 502 16.70 5.59 25.62
N ALA A 503 17.49 4.78 24.91
CA ALA A 503 18.94 4.85 25.06
C ALA A 503 19.50 6.14 24.46
N ALA A 504 18.93 6.59 23.34
CA ALA A 504 19.44 7.80 22.69
C ALA A 504 19.02 9.05 23.46
N VAL A 505 17.79 9.09 23.96
CA VAL A 505 17.34 10.24 24.74
C VAL A 505 18.07 10.30 26.08
N LEU A 506 18.26 9.14 26.72
CA LEU A 506 19.01 9.11 27.97
C LEU A 506 20.46 9.50 27.75
N MET A 507 21.04 9.14 26.59
CA MET A 507 22.40 9.57 26.28
C MET A 507 22.47 11.07 26.06
N SER A 508 21.47 11.64 25.38
CA SER A 508 21.43 13.08 25.21
C SER A 508 21.15 13.80 26.52
N LEU A 509 20.34 13.20 27.39
CA LEU A 509 20.06 13.76 28.71
C LEU A 509 21.15 13.41 29.73
N ARG A 510 22.15 12.62 29.35
CA ARG A 510 23.26 12.29 30.23
C ARG A 510 24.24 13.46 30.27
N GLN A 511 23.75 14.57 30.82
CA GLN A 511 24.53 15.80 30.90
C GLN A 511 24.31 16.49 32.25
C1 GOL B . -6.33 12.68 15.37
O1 GOL B . -6.26 14.04 15.06
C2 GOL B . -6.68 11.94 14.06
O2 GOL B . -5.74 12.16 13.07
C3 GOL B . -6.76 10.45 14.47
O3 GOL B . -7.19 9.75 13.34
C1 GOL C . -23.47 -6.99 7.38
O1 GOL C . -23.74 -5.89 6.56
C2 GOL C . -24.71 -7.90 7.32
O2 GOL C . -24.96 -8.35 6.04
C3 GOL C . -24.40 -9.05 8.30
O3 GOL C . -25.53 -9.86 8.35
C1 GOL D . 0.90 -4.43 17.52
O1 GOL D . -0.15 -5.22 17.01
C2 GOL D . 0.31 -3.02 17.75
O2 GOL D . -0.75 -3.03 18.65
C3 GOL D . 1.51 -2.18 18.26
O3 GOL D . 1.86 -2.69 19.51
C18 OLC E . 0.12 -13.50 22.72
C10 OLC E . -4.24 -17.15 17.45
C9 OLC E . -3.56 -17.86 16.56
C17 OLC E . -0.67 -12.81 21.62
C11 OLC E . -4.83 -15.79 17.07
C8 OLC E . -3.34 -17.33 15.15
C24 OLC E . -5.00 -8.34 18.69
C16 OLC E . -1.95 -13.60 21.32
C12 OLC E . -5.13 -15.00 18.35
C7 OLC E . -1.99 -16.62 15.06
C15 OLC E . -2.86 -12.76 20.43
C13 OLC E . -3.83 -14.59 19.02
C6 OLC E . -1.90 -15.83 13.76
C14 OLC E . -4.13 -13.55 20.10
C5 OLC E . -3.12 -14.93 13.63
C4 OLC E . -2.70 -13.55 13.12
C3 OLC E . -3.91 -12.62 13.05
C2 OLC E . -4.70 -12.69 14.36
C21 OLC E . -4.82 -9.93 16.78
C1 OLC E . -4.16 -11.66 15.35
C22 OLC E . -4.70 -9.78 18.29
O19 OLC E . -3.09 -11.17 15.19
O25 OLC E . -4.63 -7.47 17.66
O23 OLC E . -5.60 -10.65 18.92
O20 OLC E . -4.95 -11.28 16.45
#